data_6MG3
#
_entry.id   6MG3
#
_cell.length_a   101.430
_cell.length_b   114.042
_cell.length_c   75.444
_cell.angle_alpha   90.00
_cell.angle_beta   90.00
_cell.angle_gamma   90.00
#
_symmetry.space_group_name_H-M   'C 2 2 21'
#
loop_
_entity.id
_entity.type
_entity.pdbx_description
1 polymer 'CCAAT/enhancer-binding protein beta'
2 polymer '16-bp methylated oligonucleotide'
3 non-polymer 1,2-ETHANEDIOL
4 water water
#
loop_
_entity_poly.entity_id
_entity_poly.type
_entity_poly.pdbx_seq_one_letter_code
_entity_poly.pdbx_strand_id
1 'polypeptide(L)' HMKHSDEYKIRRERNNIAARKSRDKAKMRNLETQHKVLELTAENERLQKKVEQLSRELSTLRNLFKQLPEPLLASSGH A,B
2 'polydeoxyribonucleotide' (DT)(DA)(DT)(DA)(DT)(DT)(DG)(5CM)(DG)(5CM)(DA)(DA)(DT)(DA)(DT)(DA) C,D
#
loop_
_chem_comp.id
_chem_comp.type
_chem_comp.name
_chem_comp.formula
5CM DNA linking 5-METHYL-2'-DEOXY-CYTIDINE-5'-MONOPHOSPHATE 'C10 H16 N3 O7 P'
DA DNA linking 2'-DEOXYADENOSINE-5'-MONOPHOSPHATE 'C10 H14 N5 O6 P'
DG DNA linking 2'-DEOXYGUANOSINE-5'-MONOPHOSPHATE 'C10 H14 N5 O7 P'
DT DNA linking THYMIDINE-5'-MONOPHOSPHATE 'C10 H15 N2 O8 P'
EDO non-polymer 1,2-ETHANEDIOL 'C2 H6 O2'
#
# COMPACT_ATOMS: atom_id res chain seq x y z
N LYS A 3 -10.23 -33.52 -34.53
CA LYS A 3 -10.07 -32.12 -34.85
C LYS A 3 -8.72 -31.60 -34.37
N HIS A 4 -8.22 -32.17 -33.27
CA HIS A 4 -6.94 -31.80 -32.70
C HIS A 4 -6.19 -33.04 -32.27
N SER A 5 -4.86 -32.96 -32.27
CA SER A 5 -4.02 -34.07 -31.86
C SER A 5 -3.95 -34.16 -30.35
N ASP A 6 -3.49 -35.32 -29.86
CA ASP A 6 -3.37 -35.52 -28.43
C ASP A 6 -2.25 -34.67 -27.83
N GLU A 7 -1.19 -34.41 -28.59
CA GLU A 7 -0.11 -33.57 -28.10
C GLU A 7 -0.58 -32.12 -27.93
N TYR A 8 -1.50 -31.66 -28.78
CA TYR A 8 -2.02 -30.31 -28.64
C TYR A 8 -2.95 -30.19 -27.44
N LYS A 9 -3.80 -31.20 -27.22
CA LYS A 9 -4.74 -31.14 -26.10
C LYS A 9 -4.00 -31.17 -24.77
N ILE A 10 -2.90 -31.91 -24.68
CA ILE A 10 -2.14 -31.98 -23.43
C ILE A 10 -1.36 -30.69 -23.23
N ARG A 11 -0.78 -30.14 -24.31
CA ARG A 11 -0.03 -28.90 -24.19
C ARG A 11 -0.94 -27.75 -23.79
N ARG A 12 -2.16 -27.69 -24.35
CA ARG A 12 -3.10 -26.66 -23.96
C ARG A 12 -3.60 -26.87 -22.54
N GLU A 13 -3.74 -28.12 -22.11
CA GLU A 13 -4.16 -28.40 -20.74
C GLU A 13 -3.11 -27.93 -19.74
N ARG A 14 -1.83 -28.12 -20.05
CA ARG A 14 -0.77 -27.69 -19.15
C ARG A 14 -0.61 -26.17 -19.16
N ASN A 15 -0.81 -25.55 -20.33
CA ASN A 15 -0.65 -24.10 -20.42
C ASN A 15 -1.78 -23.36 -19.69
N ASN A 16 -2.99 -23.93 -19.68
CA ASN A 16 -4.07 -23.31 -18.93
C ASN A 16 -3.79 -23.33 -17.44
N ILE A 17 -3.15 -24.39 -16.95
CA ILE A 17 -2.75 -24.44 -15.54
C ILE A 17 -1.68 -23.38 -15.27
N ALA A 18 -0.71 -23.23 -16.17
CA ALA A 18 0.36 -22.26 -15.96
C ALA A 18 -0.15 -20.83 -16.06
N ALA A 19 -1.02 -20.56 -17.03
CA ALA A 19 -1.53 -19.20 -17.20
C ALA A 19 -2.38 -18.79 -15.99
N ARG A 20 -3.20 -19.70 -15.48
CA ARG A 20 -4.00 -19.39 -14.29
C ARG A 20 -3.11 -19.24 -13.06
N LYS A 21 -2.09 -20.10 -12.92
CA LYS A 21 -1.17 -19.97 -11.81
C LYS A 21 -0.37 -18.67 -11.89
N SER A 22 0.05 -18.30 -13.09
CA SER A 22 0.85 -17.08 -13.27
C SER A 22 0.04 -15.83 -12.91
N ARG A 23 -1.19 -15.74 -13.43
CA ARG A 23 -2.01 -14.57 -13.14
CA ARG A 23 -2.03 -14.58 -13.16
C ARG A 23 -2.59 -14.58 -11.74
N ASP A 24 -2.57 -15.73 -11.05
CA ASP A 24 -2.97 -15.74 -9.65
C ASP A 24 -1.92 -15.05 -8.78
N LYS A 25 -0.64 -15.29 -9.07
CA LYS A 25 0.42 -14.62 -8.32
C LYS A 25 0.46 -13.13 -8.61
N ALA A 26 0.26 -12.75 -9.87
CA ALA A 26 0.24 -11.33 -10.22
C ALA A 26 -0.92 -10.61 -9.53
N LYS A 27 -2.05 -11.30 -9.38
CA LYS A 27 -3.18 -10.69 -8.67
C LYS A 27 -2.88 -10.54 -7.18
N MET A 28 -2.19 -11.53 -6.60
CA MET A 28 -1.83 -11.43 -5.19
C MET A 28 -0.80 -10.34 -4.95
N ARG A 29 0.12 -10.13 -5.90
CA ARG A 29 1.10 -9.07 -5.75
C ARG A 29 0.45 -7.70 -5.86
N ASN A 30 -0.54 -7.55 -6.74
CA ASN A 30 -1.25 -6.28 -6.83
C ASN A 30 -2.06 -6.01 -5.56
N LEU A 31 -2.67 -7.04 -4.99
CA LEU A 31 -3.40 -6.87 -3.74
C LEU A 31 -2.47 -6.55 -2.58
N GLU A 32 -1.26 -7.10 -2.59
CA GLU A 32 -0.29 -6.78 -1.55
C GLU A 32 0.12 -5.31 -1.61
N THR A 33 0.25 -4.76 -2.82
CA THR A 33 0.55 -3.35 -2.96
C THR A 33 -0.61 -2.49 -2.45
N GLN A 34 -1.84 -2.92 -2.72
CA GLN A 34 -3.00 -2.20 -2.19
C GLN A 34 -3.06 -2.27 -0.67
N HIS A 35 -2.73 -3.43 -0.11
CA HIS A 35 -2.74 -3.57 1.35
CA HIS A 35 -2.75 -3.56 1.35
C HIS A 35 -1.62 -2.77 1.99
N LYS A 36 -0.49 -2.60 1.29
CA LYS A 36 0.60 -1.81 1.84
C LYS A 36 0.20 -0.34 1.99
N VAL A 37 -0.69 0.14 1.13
CA VAL A 37 -1.21 1.50 1.28
C VAL A 37 -2.01 1.62 2.57
N LEU A 38 -2.85 0.62 2.86
CA LEU A 38 -3.63 0.66 4.09
C LEU A 38 -2.73 0.51 5.33
N GLU A 39 -1.67 -0.28 5.21
CA GLU A 39 -0.75 -0.44 6.34
C GLU A 39 -0.02 0.87 6.65
N LEU A 40 0.56 1.50 5.63
CA LEU A 40 1.32 2.72 5.85
C LEU A 40 0.42 3.88 6.25
N THR A 41 -0.81 3.93 5.73
CA THR A 41 -1.73 4.99 6.09
C THR A 41 -2.09 4.93 7.57
N ALA A 42 -2.43 3.74 8.06
CA ALA A 42 -2.74 3.58 9.48
C ALA A 42 -1.51 3.77 10.34
N GLU A 43 -0.33 3.39 9.84
CA GLU A 43 0.89 3.54 10.62
C GLU A 43 1.30 5.01 10.70
N ASN A 44 1.18 5.74 9.59
CA ASN A 44 1.49 7.17 9.63
C ASN A 44 0.51 7.93 10.52
N GLU A 45 -0.76 7.49 10.55
CA GLU A 45 -1.72 8.10 11.47
C GLU A 45 -1.34 7.84 12.92
N ARG A 46 -0.84 6.62 13.21
CA ARG A 46 -0.42 6.30 14.56
C ARG A 46 0.83 7.09 14.95
N LEU A 47 1.77 7.24 14.02
CA LEU A 47 3.00 7.98 14.31
C LEU A 47 2.71 9.46 14.52
N GLN A 48 1.76 10.01 13.77
CA GLN A 48 1.39 11.41 13.95
C GLN A 48 0.75 11.63 15.32
N LYS A 49 -0.07 10.68 15.77
CA LYS A 49 -0.64 10.78 17.11
C LYS A 49 0.44 10.64 18.18
N LYS A 50 1.49 9.86 17.91
CA LYS A 50 2.58 9.75 18.85
C LYS A 50 3.40 11.04 18.90
N VAL A 51 3.56 11.70 17.76
CA VAL A 51 4.24 12.99 17.73
C VAL A 51 3.49 14.00 18.59
N GLU A 52 2.16 14.05 18.45
CA GLU A 52 1.37 14.99 19.23
C GLU A 52 1.35 14.62 20.71
N GLN A 53 1.40 13.32 21.02
CA GLN A 53 1.44 12.91 22.42
C GLN A 53 2.76 13.32 23.07
N LEU A 54 3.88 13.08 22.39
CA LEU A 54 5.18 13.46 22.93
C LEU A 54 5.30 14.97 23.07
N SER A 55 4.70 15.73 22.14
CA SER A 55 4.77 17.19 22.23
C SER A 55 3.97 17.70 23.43
N ARG A 56 2.82 17.08 23.72
CA ARG A 56 2.05 17.48 24.90
C ARG A 56 2.80 17.11 26.18
N GLU A 57 3.41 15.92 26.23
CA GLU A 57 4.15 15.52 27.41
C GLU A 57 5.40 16.37 27.59
N LEU A 58 5.99 16.85 26.50
CA LEU A 58 7.11 17.78 26.61
C LEU A 58 6.64 19.14 27.14
N SER A 59 5.53 19.65 26.62
CA SER A 59 5.02 20.94 27.07
C SER A 59 4.55 20.88 28.52
N THR A 60 3.91 19.76 28.90
CA THR A 60 3.45 19.62 30.28
C THR A 60 4.63 19.52 31.24
N LEU A 61 5.69 18.81 30.84
CA LEU A 61 6.84 18.66 31.72
C LEU A 61 7.63 19.96 31.82
N ARG A 62 7.71 20.73 30.73
CA ARG A 62 8.41 22.01 30.77
C ARG A 62 7.66 23.05 31.58
N ASN A 63 6.35 22.90 31.74
CA ASN A 63 5.57 23.82 32.57
C ASN A 63 5.87 23.65 34.06
N LEU A 64 6.54 22.55 34.45
CA LEU A 64 6.90 22.35 35.84
C LEU A 64 8.03 23.25 36.29
N PHE A 65 8.74 23.91 35.37
CA PHE A 65 9.78 24.85 35.76
C PHE A 65 9.19 26.00 36.57
N LYS A 66 8.17 26.66 36.04
CA LYS A 66 7.43 27.67 36.78
C LYS A 66 6.13 28.02 36.06
N LYS B 3 -24.69 -17.05 -31.28
CA LYS B 3 -25.44 -16.37 -32.33
C LYS B 3 -24.60 -16.23 -33.59
N HIS B 4 -23.51 -15.47 -33.48
CA HIS B 4 -22.59 -15.23 -34.60
C HIS B 4 -23.30 -14.63 -35.80
N SER B 5 -24.17 -13.64 -35.54
CA SER B 5 -24.87 -12.89 -36.56
C SER B 5 -24.30 -11.48 -36.64
N ASP B 6 -25.05 -10.55 -37.23
CA ASP B 6 -24.61 -9.18 -37.30
C ASP B 6 -24.72 -8.49 -35.94
N GLU B 7 -25.79 -8.80 -35.19
CA GLU B 7 -25.94 -8.21 -33.86
C GLU B 7 -24.87 -8.75 -32.90
N TYR B 8 -24.49 -10.02 -33.06
CA TYR B 8 -23.44 -10.59 -32.22
C TYR B 8 -22.10 -9.93 -32.49
N LYS B 9 -21.77 -9.69 -33.77
CA LYS B 9 -20.50 -9.07 -34.11
C LYS B 9 -20.43 -7.64 -33.59
N ILE B 10 -21.55 -6.93 -33.62
CA ILE B 10 -21.55 -5.55 -33.12
C ILE B 10 -21.38 -5.53 -31.60
N ARG B 11 -22.08 -6.41 -30.90
CA ARG B 11 -21.95 -6.45 -29.45
C ARG B 11 -20.55 -6.90 -29.03
N ARG B 12 -19.94 -7.81 -29.78
CA ARG B 12 -18.58 -8.23 -29.47
C ARG B 12 -17.58 -7.12 -29.73
N GLU B 13 -17.80 -6.33 -30.78
CA GLU B 13 -16.93 -5.19 -31.04
C GLU B 13 -17.00 -4.17 -29.91
N ARG B 14 -18.21 -3.88 -29.42
CA ARG B 14 -18.36 -2.91 -28.35
C ARG B 14 -17.77 -3.43 -27.05
N ASN B 15 -17.91 -4.74 -26.79
CA ASN B 15 -17.39 -5.30 -25.55
C ASN B 15 -15.88 -5.38 -25.57
N ASN B 16 -15.28 -5.67 -26.73
CA ASN B 16 -13.83 -5.68 -26.83
C ASN B 16 -13.24 -4.30 -26.54
N ILE B 17 -13.94 -3.26 -26.97
CA ILE B 17 -13.51 -1.89 -26.65
C ILE B 17 -13.62 -1.64 -25.16
N ALA B 18 -14.76 -2.01 -24.57
CA ALA B 18 -14.95 -1.82 -23.14
C ALA B 18 -13.95 -2.63 -22.32
N ALA B 19 -13.59 -3.81 -22.81
CA ALA B 19 -12.63 -4.65 -22.08
C ALA B 19 -11.26 -3.98 -22.02
N ARG B 20 -10.76 -3.51 -23.17
CA ARG B 20 -9.46 -2.83 -23.19
C ARG B 20 -9.49 -1.58 -22.33
N LYS B 21 -10.60 -0.84 -22.36
CA LYS B 21 -10.72 0.36 -21.53
C LYS B 21 -10.71 0.01 -20.05
N SER B 22 -11.39 -1.09 -19.67
CA SER B 22 -11.39 -1.50 -18.28
C SER B 22 -10.03 -2.03 -17.85
N ARG B 23 -9.32 -2.71 -18.74
CA ARG B 23 -7.98 -3.20 -18.41
C ARG B 23 -7.00 -2.04 -18.25
N ASP B 24 -7.11 -1.01 -19.10
CA ASP B 24 -6.25 0.16 -18.97
C ASP B 24 -6.50 0.86 -17.63
N LYS B 25 -7.77 1.01 -17.24
CA LYS B 25 -8.10 1.68 -15.99
C LYS B 25 -7.53 0.93 -14.79
N ALA B 26 -7.61 -0.41 -14.82
CA ALA B 26 -7.05 -1.20 -13.72
C ALA B 26 -5.53 -1.13 -13.70
N LYS B 27 -4.90 -1.18 -14.88
CA LYS B 27 -3.44 -1.08 -14.94
C LYS B 27 -2.97 0.29 -14.48
N MET B 28 -3.74 1.34 -14.78
CA MET B 28 -3.39 2.67 -14.30
C MET B 28 -3.60 2.78 -12.79
N ARG B 29 -4.67 2.17 -12.28
CA ARG B 29 -4.91 2.20 -10.84
C ARG B 29 -3.78 1.51 -10.08
N ASN B 30 -3.22 0.44 -10.66
CA ASN B 30 -2.09 -0.23 -10.03
CA ASN B 30 -2.08 -0.23 -10.02
C ASN B 30 -0.85 0.66 -10.00
N LEU B 31 -0.67 1.50 -11.03
CA LEU B 31 0.47 2.41 -11.05
C LEU B 31 0.32 3.50 -10.00
N GLU B 32 -0.90 4.04 -9.84
CA GLU B 32 -1.14 5.04 -8.81
C GLU B 32 -0.96 4.45 -7.42
N THR B 33 -1.34 3.19 -7.24
CA THR B 33 -1.16 2.53 -5.95
C THR B 33 0.32 2.34 -5.64
N GLN B 34 1.11 1.94 -6.64
CA GLN B 34 2.55 1.81 -6.44
C GLN B 34 3.19 3.15 -6.11
N HIS B 35 2.75 4.22 -6.77
CA HIS B 35 3.27 5.54 -6.45
CA HIS B 35 3.27 5.54 -6.46
C HIS B 35 2.84 6.00 -5.07
N LYS B 36 1.63 5.62 -4.64
CA LYS B 36 1.17 5.99 -3.31
C LYS B 36 2.00 5.32 -2.22
N VAL B 37 2.50 4.12 -2.48
CA VAL B 37 3.37 3.45 -1.51
C VAL B 37 4.67 4.23 -1.34
N LEU B 38 5.20 4.78 -2.44
CA LEU B 38 6.43 5.57 -2.35
C LEU B 38 6.20 6.85 -1.53
N GLU B 39 5.06 7.50 -1.72
CA GLU B 39 4.76 8.71 -0.95
C GLU B 39 4.57 8.38 0.52
N LEU B 40 3.83 7.33 0.83
CA LEU B 40 3.58 6.96 2.22
C LEU B 40 4.84 6.45 2.90
N THR B 41 5.74 5.83 2.14
CA THR B 41 6.99 5.35 2.73
C THR B 41 7.90 6.51 3.12
N ALA B 42 8.01 7.51 2.24
CA ALA B 42 8.80 8.69 2.58
C ALA B 42 8.20 9.44 3.77
N GLU B 43 6.87 9.52 3.82
CA GLU B 43 6.21 10.13 4.98
C GLU B 43 6.39 9.29 6.23
N ASN B 44 6.40 7.96 6.08
CA ASN B 44 6.63 7.09 7.24
C ASN B 44 8.02 7.28 7.81
N GLU B 45 9.03 7.41 6.95
CA GLU B 45 10.39 7.61 7.42
C GLU B 45 10.56 8.98 8.08
N ARG B 46 9.86 9.99 7.60
CA ARG B 46 9.92 11.30 8.24
C ARG B 46 9.30 11.25 9.63
N LEU B 47 8.18 10.54 9.77
CA LEU B 47 7.51 10.46 11.07
C LEU B 47 8.32 9.63 12.07
N GLN B 48 8.98 8.57 11.60
CA GLN B 48 9.81 7.77 12.50
C GLN B 48 10.96 8.61 13.06
N LYS B 49 11.60 9.41 12.21
CA LYS B 49 12.69 10.26 12.69
C LYS B 49 12.19 11.30 13.67
N LYS B 50 10.98 11.82 13.44
CA LYS B 50 10.42 12.82 14.35
C LYS B 50 10.04 12.20 15.68
N VAL B 51 9.47 10.99 15.66
CA VAL B 51 9.14 10.30 16.90
C VAL B 51 10.41 9.98 17.68
N GLU B 52 11.45 9.52 16.99
CA GLU B 52 12.72 9.22 17.66
C GLU B 52 13.33 10.48 18.27
N GLN B 53 13.27 11.59 17.55
CA GLN B 53 13.83 12.84 18.07
CA GLN B 53 13.83 12.84 18.07
C GLN B 53 13.10 13.30 19.32
N LEU B 54 11.76 13.31 19.28
CA LEU B 54 10.99 13.75 20.44
C LEU B 54 11.11 12.78 21.60
N SER B 55 11.25 11.48 21.32
CA SER B 55 11.39 10.50 22.39
C SER B 55 12.70 10.71 23.15
N ARG B 56 13.79 10.98 22.42
CA ARG B 56 15.06 11.26 23.08
C ARG B 56 15.00 12.59 23.84
N GLU B 57 14.34 13.59 23.27
CA GLU B 57 14.21 14.88 23.94
C GLU B 57 13.40 14.76 25.22
N LEU B 58 12.34 13.94 25.20
CA LEU B 58 11.52 13.76 26.38
C LEU B 58 12.26 12.92 27.43
N SER B 59 13.01 11.91 26.99
CA SER B 59 13.73 11.07 27.94
C SER B 59 14.83 11.84 28.66
N THR B 60 15.53 12.72 27.94
CA THR B 60 16.57 13.53 28.56
C THR B 60 15.97 14.51 29.56
N LEU B 61 14.85 15.13 29.21
CA LEU B 61 14.22 16.08 30.12
C LEU B 61 13.64 15.37 31.35
N ARG B 62 13.10 14.16 31.16
CA ARG B 62 12.57 13.40 32.29
C ARG B 62 13.69 13.01 33.26
N ASN B 63 14.81 12.53 32.73
CA ASN B 63 15.96 12.21 33.58
C ASN B 63 16.49 13.46 34.28
N LEU B 64 16.37 14.62 33.63
CA LEU B 64 16.82 15.86 34.25
C LEU B 64 15.95 16.23 35.44
N PHE B 65 14.64 15.98 35.35
CA PHE B 65 13.75 16.29 36.46
C PHE B 65 13.89 15.29 37.61
N LYS B 66 14.26 14.04 37.31
CA LYS B 66 14.35 13.04 38.36
C LYS B 66 15.58 13.20 39.24
N GLN B 67 16.60 13.91 38.75
CA GLN B 67 17.80 14.19 39.55
C GLN B 67 17.60 15.37 40.49
N LEU B 68 16.36 15.72 40.81
CA LEU B 68 16.04 16.89 41.63
C LEU B 68 15.73 16.46 43.05
N PRO B 69 16.33 17.09 44.06
CA PRO B 69 16.06 16.72 45.44
C PRO B 69 14.63 17.08 45.85
N GLU B 70 14.24 16.57 47.01
CA GLU B 70 12.91 16.83 47.55
C GLU B 70 12.79 18.26 48.05
N1 5CM C 8 -9.81 -16.57 -18.47
C2 5CM C 8 -10.02 -15.77 -19.70
N3 5CM C 8 -9.41 -14.56 -19.77
C4 5CM C 8 -8.62 -14.00 -18.81
C5 5CM C 8 -8.39 -14.70 -17.60
C5A 5CM C 8 -7.52 -14.12 -16.50
C6 5CM C 8 -8.98 -15.97 -17.44
O2 5CM C 8 -10.71 -16.20 -20.61
N4 5CM C 8 -8.11 -12.79 -19.05
C1' 5CM C 8 -10.44 -17.86 -18.34
C2' 5CM C 8 -9.45 -19.01 -18.30
C3' 5CM C 8 -10.07 -19.98 -17.30
C4' 5CM C 8 -11.30 -19.28 -16.72
O4' 5CM C 8 -11.12 -17.90 -17.10
O3' 5CM C 8 -10.51 -21.18 -17.97
C5' 5CM C 8 -11.38 -19.42 -15.21
O5' 5CM C 8 -10.11 -19.10 -14.60
P 5CM C 8 -10.16 -18.82 -12.93
OP1 5CM C 8 -10.66 -20.04 -12.19
OP2 5CM C 8 -8.82 -18.38 -12.42
N1 5CM C 10 -5.10 -18.50 -25.35
C2 5CM C 10 -4.70 -17.08 -25.24
N3 5CM C 10 -4.20 -16.67 -24.02
C4 5CM C 10 -4.03 -17.44 -22.92
C5 5CM C 10 -4.39 -18.81 -22.96
C5A 5CM C 10 -4.22 -19.71 -21.75
C6 5CM C 10 -4.92 -19.32 -24.16
O2 5CM C 10 -4.81 -16.32 -26.18
N4 5CM C 10 -3.52 -16.86 -21.83
C1' 5CM C 10 -5.63 -18.98 -26.60
C2' 5CM C 10 -4.77 -20.05 -27.25
C3' 5CM C 10 -5.78 -21.04 -27.83
C4' 5CM C 10 -7.16 -20.56 -27.36
O4' 5CM C 10 -6.87 -19.61 -26.32
O3' 5CM C 10 -5.76 -21.03 -29.25
C5' 5CM C 10 -7.99 -21.71 -26.84
O5' 5CM C 10 -7.21 -22.53 -25.95
P 5CM C 10 -8.09 -23.63 -25.01
OP1 5CM C 10 -8.81 -24.63 -25.89
OP2 5CM C 10 -7.22 -24.31 -24.01
N1 5CM D 8 -6.49 -10.56 -26.26
N1 5CM D 8 -6.07 -10.32 -25.25
C2 5CM D 8 -6.55 -12.01 -25.92
C2 5CM D 8 -6.28 -11.72 -24.78
N3 5CM D 8 -6.47 -12.35 -24.59
N3 5CM D 8 -6.20 -11.96 -23.44
C4 5CM D 8 -6.35 -11.48 -23.55
C4 5CM D 8 -5.95 -11.03 -22.47
C5 5CM D 8 -6.29 -10.08 -23.79
C5 5CM D 8 -5.75 -9.67 -22.84
C5A 5CM D 8 -6.15 -9.08 -22.67
C5A 5CM D 8 -5.47 -8.61 -21.80
C6 5CM D 8 -6.36 -9.65 -25.14
C6 5CM D 8 -5.81 -9.33 -24.21
O2 5CM D 8 -6.66 -12.87 -26.78
O2 5CM D 8 -6.50 -12.62 -25.58
N4 5CM D 8 -6.28 -11.99 -22.32
N4 5CM D 8 -5.92 -11.45 -21.20
C1' 5CM D 8 -6.58 -10.12 -27.63
C1' 5CM D 8 -6.16 -10.03 -26.66
C2' 5CM D 8 -7.68 -9.09 -27.78
C2' 5CM D 8 -7.37 -9.19 -27.01
C3' 5CM D 8 -7.12 -8.09 -28.76
C3' 5CM D 8 -6.81 -8.10 -27.92
C4' 5CM D 8 -5.64 -8.09 -28.40
C4' 5CM D 8 -5.36 -8.51 -28.22
O4' 5CM D 8 -5.35 -9.44 -27.94
O4' 5CM D 8 -5.03 -9.26 -27.03
O3' 5CM D 8 -7.33 -8.53 -30.10
O3' 5CM D 8 -7.54 -8.02 -29.15
C5' 5CM D 8 -5.40 -7.11 -27.27
C5' 5CM D 8 -4.52 -7.28 -28.49
O5' 5CM D 8 -4.58 -6.02 -27.70
O5' 5CM D 8 -3.85 -6.81 -27.32
P 5CM D 8 -3.66 -5.24 -26.52
P 5CM D 8 -2.20 -6.44 -27.50
OP1 5CM D 8 -3.09 -3.95 -27.03
OP1 5CM D 8 -1.38 -7.68 -27.79
OP2 5CM D 8 -4.47 -5.01 -25.27
OP2 5CM D 8 -2.02 -5.44 -28.59
N1 5CM D 10 -14.10 -13.18 -24.26
C2 5CM D 10 -13.77 -13.46 -22.84
N3 5CM D 10 -13.35 -12.41 -22.09
C4 5CM D 10 -13.19 -11.12 -22.52
C5 5CM D 10 -13.48 -10.79 -23.86
C5A 5CM D 10 -13.33 -9.37 -24.38
C6 5CM D 10 -13.93 -11.82 -24.71
O2 5CM D 10 -13.88 -14.57 -22.38
N4 5CM D 10 -12.75 -10.22 -21.63
C1' 5CM D 10 -14.55 -14.25 -25.11
C2' 5CM D 10 -15.99 -14.11 -25.56
C3' 5CM D 10 -15.97 -14.71 -26.97
C4' 5CM D 10 -14.49 -14.92 -27.33
O4' 5CM D 10 -13.77 -14.24 -26.28
O3' 5CM D 10 -16.61 -15.98 -27.01
C5' 5CM D 10 -14.16 -14.34 -28.68
O5' 5CM D 10 -14.68 -13.00 -28.79
P 5CM D 10 -14.11 -12.13 -30.13
OP1 5CM D 10 -14.55 -12.77 -31.43
OP2 5CM D 10 -14.53 -10.69 -30.04
C1 EDO E . -11.39 -16.51 -26.31
O1 EDO E . -10.55 -15.62 -27.06
C2 EDO E . -10.86 -17.93 -26.41
O2 EDO E . -9.54 -18.00 -25.86
#